data_3ZWN
#
_entry.id   3ZWN
#
_cell.length_a   69.494
_cell.length_b   57.852
_cell.length_c   71.303
_cell.angle_alpha   90.00
_cell.angle_beta   100.94
_cell.angle_gamma   90.00
#
_symmetry.space_group_name_H-M   'P 1 21 1'
#
loop_
_entity.id
_entity.type
_entity.pdbx_description
1 polymer 'ADP-RIBOSYL CYCLASE'
2 non-polymer 'CYCLIC GUANOSINE DIPHOSPHATE-RIBOSE'
3 non-polymer '3-(AMINOCARBONYL)-1-[(2R,3R,4S,5R)-5-({[(S)-{[(S)-{[(2R,3S,4R,5R)-5-(2-AMINO-6-OXO-1,6-DIHYDRO-9H-PURIN-9-YL)-3,4-DIHYD ROXYTETRAHYDROFURAN-2-YL]METHOXY}(HYDROXY)PHOSPHORYL]OXY}(HYDROXY)PHOSPHORYL]OXY}METHYL)-3,4-DIHYDROXYTETRAHYDROFURAN-2- YL]PYRIDINIUM'
4 water water
#
_entity_poly.entity_id   1
_entity_poly.type   'polypeptide(L)'
_entity_poly.pdbx_seq_one_letter_code
;AAIVPTRELENVFLGRCKDYEITRYLDILPRVRSDCSALWKDFFKAFSFKNPCDLDLGSYKDFFTSAQQQLPKNKVMFWS
GVYDEAHDYANTGRKYITLEDTLPGYMLNSLVWCGQRANPGFNEKVCPDFKTCPVQARESFWGMASSSYAHSAEGEVTYM
VDGSNPKVPAYRPDSFFGKYELPNLTNKVTRVKVIVLHRLGEKIIEKCGAGSLLDLEKLVKAKHFAFDCVENPRAVLFLL
CSDNPNARECRLAKRFYRIA
;
_entity_poly.pdbx_strand_id   A,B
#
# COMPACT_ATOMS: atom_id res chain seq x y z
N ALA A 1 20.51 22.76 -4.52
CA ALA A 1 21.72 22.09 -5.06
C ALA A 1 22.04 20.79 -4.29
N ALA A 2 21.39 20.56 -3.14
CA ALA A 2 21.55 19.32 -2.36
C ALA A 2 20.21 18.68 -1.97
N ILE A 3 20.26 17.40 -1.58
CA ILE A 3 19.09 16.65 -1.13
C ILE A 3 19.47 15.90 0.13
N VAL A 4 18.49 15.74 1.02
CA VAL A 4 18.78 15.10 2.28
C VAL A 4 18.59 13.58 2.06
N PRO A 5 19.65 12.80 2.37
CA PRO A 5 19.53 11.32 2.18
C PRO A 5 18.65 10.63 3.23
N THR A 6 18.17 9.40 2.93
CA THR A 6 17.39 8.68 3.94
C THR A 6 18.36 8.33 5.09
N ARG A 7 17.93 8.49 6.36
CA ARG A 7 18.73 8.15 7.51
C ARG A 7 18.74 6.65 7.69
N GLU A 8 19.78 6.13 8.35
CA GLU A 8 19.83 4.64 8.58
C GLU A 8 19.50 3.79 7.38
N LEU A 9 20.22 4.05 6.28
CA LEU A 9 19.89 3.45 5.00
C LEU A 9 19.97 1.95 5.15
N GLU A 10 21.04 1.43 5.78
CA GLU A 10 21.15 -0.03 5.90
C GLU A 10 19.96 -0.62 6.67
N ASN A 11 19.62 -0.01 7.80
CA ASN A 11 18.51 -0.50 8.61
C ASN A 11 17.18 -0.45 7.84
N VAL A 12 16.92 0.63 7.15
CA VAL A 12 15.73 0.68 6.35
C VAL A 12 15.67 -0.43 5.27
N PHE A 13 16.74 -0.53 4.49
CA PHE A 13 16.89 -1.55 3.48
C PHE A 13 16.64 -2.93 4.04
N LEU A 14 17.39 -3.29 5.09
CA LEU A 14 17.23 -4.60 5.66
C LEU A 14 15.84 -4.86 6.29
N GLY A 15 15.30 -3.86 6.91
CA GLY A 15 13.95 -3.95 7.48
C GLY A 15 12.88 -4.12 6.39
N ARG A 16 12.93 -3.31 5.32
CA ARG A 16 12.02 -3.54 4.17
C ARG A 16 12.23 -4.93 3.57
N CYS A 17 13.49 -5.35 3.47
CA CYS A 17 13.81 -6.62 2.85
C CYS A 17 13.17 -7.76 3.65
N LYS A 18 13.30 -7.70 4.99
CA LYS A 18 12.76 -8.81 5.85
C LYS A 18 11.25 -8.77 5.82
N ASP A 19 10.67 -7.58 5.89
CA ASP A 19 9.22 -7.44 5.78
C ASP A 19 8.72 -8.09 4.48
N TYR A 20 9.36 -7.72 3.36
CA TYR A 20 8.96 -8.26 2.07
C TYR A 20 9.08 -9.82 2.12
N GLU A 21 10.25 -10.32 2.48
CA GLU A 21 10.56 -11.76 2.45
C GLU A 21 9.48 -12.58 3.11
N ILE A 22 9.09 -12.17 4.33
CA ILE A 22 8.15 -12.98 5.11
C ILE A 22 6.69 -12.68 4.84
N THR A 23 6.41 -11.43 4.48
CA THR A 23 5.00 -11.03 4.45
C THR A 23 4.40 -10.46 3.19
N ARG A 24 5.21 -9.98 2.22
CA ARG A 24 4.62 -9.25 1.09
C ARG A 24 4.61 -10.04 -0.22
N TYR A 25 3.52 -9.85 -0.98
CA TYR A 25 3.33 -10.47 -2.31
C TYR A 25 3.49 -11.96 -2.30
N LEU A 26 3.18 -12.59 -1.16
CA LEU A 26 3.54 -14.04 -0.93
C LEU A 26 2.91 -14.95 -2.00
N ASP A 27 1.72 -14.61 -2.42
CA ASP A 27 1.13 -15.49 -3.45
C ASP A 27 1.21 -14.92 -4.84
N ILE A 28 1.93 -13.82 -5.01
CA ILE A 28 1.98 -13.10 -6.27
C ILE A 28 3.38 -13.15 -6.92
N LEU A 29 4.44 -13.04 -6.09
CA LEU A 29 5.81 -13.01 -6.61
C LEU A 29 6.63 -13.99 -5.81
N PRO A 30 7.62 -14.58 -6.44
CA PRO A 30 8.42 -15.60 -5.71
C PRO A 30 9.42 -14.88 -4.77
N ARG A 31 9.97 -15.64 -3.83
CA ARG A 31 11.02 -15.18 -3.00
C ARG A 31 12.33 -15.25 -3.80
N VAL A 32 13.28 -14.41 -3.43
CA VAL A 32 14.60 -14.35 -4.01
C VAL A 32 15.47 -15.31 -3.17
N ARG A 33 16.42 -15.98 -3.76
CA ARG A 33 17.31 -16.95 -3.03
C ARG A 33 18.27 -16.26 -2.06
N SER A 34 18.80 -15.12 -2.46
CA SER A 34 19.84 -14.42 -1.70
C SER A 34 19.24 -13.88 -0.41
N ASP A 35 19.96 -13.95 0.69
CA ASP A 35 19.36 -13.46 1.91
C ASP A 35 19.51 -11.91 1.96
N CYS A 36 18.78 -11.25 2.85
CA CYS A 36 18.81 -9.76 2.94
C CYS A 36 20.16 -9.20 3.15
N SER A 37 20.97 -9.87 4.00
CA SER A 37 22.28 -9.36 4.20
C SER A 37 23.16 -9.40 2.97
N ALA A 38 23.03 -10.47 2.17
CA ALA A 38 23.82 -10.62 0.91
C ALA A 38 23.36 -9.54 -0.07
N LEU A 39 22.05 -9.29 -0.09
CA LEU A 39 21.55 -8.28 -1.02
C LEU A 39 22.07 -6.90 -0.67
N TRP A 40 22.06 -6.61 0.61
CA TRP A 40 22.69 -5.37 1.15
C TRP A 40 24.12 -5.20 0.68
N LYS A 41 24.95 -6.23 0.86
CA LYS A 41 26.34 -6.17 0.47
C LYS A 41 26.47 -5.83 -1.01
N ASP A 42 25.65 -6.48 -1.85
CA ASP A 42 25.70 -6.21 -3.30
C ASP A 42 25.30 -4.73 -3.61
N PHE A 43 24.20 -4.29 -3.00
CA PHE A 43 23.70 -2.94 -3.16
C PHE A 43 24.77 -1.94 -2.74
N PHE A 44 25.36 -2.15 -1.57
CA PHE A 44 26.26 -1.13 -1.00
C PHE A 44 27.58 -1.09 -1.84
N LYS A 45 28.00 -2.24 -2.33
CA LYS A 45 29.18 -2.31 -3.21
C LYS A 45 28.98 -1.53 -4.52
N ALA A 46 27.74 -1.39 -4.99
CA ALA A 46 27.52 -0.79 -6.28
C ALA A 46 27.86 0.68 -6.31
N PHE A 47 27.53 1.39 -5.23
CA PHE A 47 27.67 2.81 -5.21
C PHE A 47 28.68 3.32 -4.19
N SER A 48 29.13 2.51 -3.22
CA SER A 48 29.98 3.08 -2.15
C SER A 48 31.42 3.43 -2.65
N PHE A 49 32.01 4.47 -2.07
CA PHE A 49 33.39 4.86 -2.41
C PHE A 49 33.51 5.27 -3.88
N LYS A 50 32.44 5.80 -4.41
CA LYS A 50 32.41 6.31 -5.75
C LYS A 50 31.71 7.67 -5.75
N ASN A 51 32.26 8.63 -6.50
CA ASN A 51 31.54 9.85 -6.71
C ASN A 51 30.21 9.52 -7.44
N PRO A 52 29.07 10.05 -6.93
CA PRO A 52 27.78 9.79 -7.58
C PRO A 52 27.81 10.04 -9.08
N CYS A 53 28.58 11.03 -9.52
CA CYS A 53 28.56 11.29 -10.97
C CYS A 53 29.36 10.29 -11.85
N ASP A 54 30.12 9.38 -11.24
CA ASP A 54 30.84 8.37 -11.98
C ASP A 54 30.06 7.04 -12.20
N LEU A 55 28.89 6.89 -11.57
CA LEU A 55 28.08 5.68 -11.79
C LEU A 55 27.60 5.55 -13.23
N ASP A 56 27.27 4.34 -13.64
CA ASP A 56 26.74 4.21 -14.99
C ASP A 56 25.79 3.00 -15.01
N LEU A 57 25.29 2.61 -16.18
CA LEU A 57 24.28 1.53 -16.20
C LEU A 57 24.78 0.25 -15.63
N GLY A 58 26.09 0.05 -15.60
CA GLY A 58 26.57 -1.23 -15.08
C GLY A 58 26.77 -1.24 -13.55
N SER A 59 26.72 -0.08 -12.89
CA SER A 59 27.08 -0.06 -11.44
C SER A 59 26.29 -1.09 -10.58
N TYR A 60 24.97 -1.16 -10.78
CA TYR A 60 24.14 -1.99 -9.95
C TYR A 60 23.79 -3.33 -10.59
N LYS A 61 24.50 -3.69 -11.66
CA LYS A 61 24.15 -4.91 -12.44
C LYS A 61 24.12 -6.17 -11.55
N ASP A 62 25.18 -6.38 -10.77
CA ASP A 62 25.20 -7.57 -9.90
C ASP A 62 24.12 -7.61 -8.82
N PHE A 63 23.76 -6.44 -8.30
CA PHE A 63 22.69 -6.37 -7.34
C PHE A 63 21.41 -6.76 -8.04
N PHE A 64 21.17 -6.24 -9.24
CA PHE A 64 19.88 -6.61 -9.90
C PHE A 64 19.85 -8.13 -10.29
N THR A 65 21.01 -8.70 -10.63
CA THR A 65 21.08 -10.16 -10.90
C THR A 65 20.66 -10.94 -9.67
N SER A 66 21.12 -10.53 -8.49
CA SER A 66 20.70 -11.18 -7.25
C SER A 66 19.26 -10.95 -6.87
N ALA A 67 18.77 -9.73 -7.15
CA ALA A 67 17.48 -9.33 -6.65
C ALA A 67 16.32 -9.69 -7.57
N GLN A 68 16.60 -10.10 -8.81
CA GLN A 68 15.54 -10.16 -9.82
C GLN A 68 14.68 -11.40 -9.60
N GLN A 69 13.38 -11.19 -9.61
CA GLN A 69 12.37 -12.28 -9.50
C GLN A 69 11.83 -12.65 -10.85
N GLN A 70 11.45 -13.92 -11.03
CA GLN A 70 10.62 -14.32 -12.17
C GLN A 70 9.29 -13.63 -12.02
N LEU A 71 8.71 -13.12 -13.10
CA LEU A 71 7.49 -12.29 -13.01
C LEU A 71 6.34 -13.04 -13.64
N PRO A 72 5.12 -12.93 -13.06
CA PRO A 72 3.93 -13.66 -13.58
C PRO A 72 3.60 -13.24 -15.02
N LYS A 73 3.35 -14.25 -15.84
CA LYS A 73 2.97 -14.03 -17.24
C LYS A 73 1.76 -13.12 -17.38
N ASN A 74 1.84 -12.21 -18.33
CA ASN A 74 0.75 -11.29 -18.66
C ASN A 74 0.49 -10.13 -17.73
N LYS A 75 1.26 -9.98 -16.66
CA LYS A 75 0.84 -9.14 -15.54
C LYS A 75 1.76 -7.97 -15.38
N VAL A 76 2.81 -7.85 -16.20
CA VAL A 76 3.81 -6.81 -15.93
C VAL A 76 3.24 -5.50 -16.50
N MET A 77 3.29 -4.43 -15.70
CA MET A 77 2.92 -3.08 -16.14
C MET A 77 4.09 -2.13 -16.06
N PHE A 78 4.12 -1.21 -17.01
CA PHE A 78 5.08 -0.08 -17.07
C PHE A 78 4.23 1.17 -17.04
N TRP A 79 4.80 2.27 -16.61
CA TRP A 79 4.00 3.50 -16.48
C TRP A 79 4.88 4.68 -16.84
N SER A 80 4.28 5.74 -17.41
CA SER A 80 5.06 6.97 -17.67
C SER A 80 4.16 8.14 -17.35
N GLY A 81 4.55 8.92 -16.34
CA GLY A 81 3.82 10.15 -16.05
C GLY A 81 2.53 10.00 -15.26
N VAL A 82 2.20 8.78 -14.83
CA VAL A 82 0.96 8.57 -14.16
C VAL A 82 1.15 7.68 -12.93
N TYR A 83 2.09 8.05 -12.06
CA TYR A 83 2.49 7.09 -11.02
C TYR A 83 1.31 6.69 -10.17
N ASP A 84 0.57 7.66 -9.65
CA ASP A 84 -0.51 7.32 -8.76
C ASP A 84 -1.57 6.50 -9.38
N GLU A 85 -2.01 6.91 -10.57
CA GLU A 85 -3.10 6.17 -11.23
C GLU A 85 -2.67 4.75 -11.62
N ALA A 86 -1.44 4.60 -12.10
CA ALA A 86 -0.97 3.28 -12.53
C ALA A 86 -0.89 2.32 -11.35
N HIS A 87 -0.38 2.80 -10.20
CA HIS A 87 -0.27 1.97 -8.99
C HIS A 87 -1.63 1.66 -8.38
N ASP A 88 -2.54 2.62 -8.48
CA ASP A 88 -3.87 2.45 -7.90
C ASP A 88 -4.56 1.39 -8.75
N TYR A 89 -4.40 1.49 -10.06
CA TYR A 89 -5.04 0.51 -10.95
C TYR A 89 -4.43 -0.90 -10.82
N ALA A 90 -3.12 -0.96 -10.68
CA ALA A 90 -2.40 -2.24 -10.59
C ALA A 90 -2.74 -2.93 -9.28
N ASN A 91 -3.08 -2.10 -8.28
CA ASN A 91 -3.69 -2.57 -7.02
C ASN A 91 -2.81 -3.53 -6.20
N THR A 92 -1.62 -3.05 -5.87
CA THR A 92 -0.64 -3.83 -5.04
C THR A 92 -0.47 -5.29 -5.48
N GLY A 93 -0.28 -5.46 -6.79
CA GLY A 93 0.08 -6.76 -7.33
C GLY A 93 -1.10 -7.61 -7.73
N ARG A 94 -2.30 -7.18 -7.31
CA ARG A 94 -3.50 -8.05 -7.48
C ARG A 94 -4.01 -8.05 -8.91
N LYS A 95 -3.79 -6.95 -9.61
CA LYS A 95 -4.21 -6.89 -10.99
C LYS A 95 -3.02 -6.88 -11.96
N TYR A 96 -2.07 -5.97 -11.73
CA TYR A 96 -0.80 -5.99 -12.43
C TYR A 96 0.32 -5.90 -11.43
N ILE A 97 1.50 -6.25 -11.90
CA ILE A 97 2.74 -5.99 -11.14
C ILE A 97 3.28 -4.64 -11.66
N THR A 98 3.83 -3.81 -10.77
CA THR A 98 4.72 -2.73 -11.17
C THR A 98 6.13 -2.97 -10.60
N LEU A 99 7.12 -2.21 -11.09
CA LEU A 99 8.49 -2.38 -10.56
C LEU A 99 8.46 -2.24 -9.04
N GLU A 100 7.62 -1.34 -8.56
CA GLU A 100 7.57 -1.01 -7.11
C GLU A 100 7.02 -2.14 -6.25
N ASP A 101 6.43 -3.17 -6.86
CA ASP A 101 6.03 -4.33 -6.10
C ASP A 101 7.09 -5.41 -6.04
N THR A 102 8.11 -5.30 -6.89
CA THR A 102 9.17 -6.31 -6.91
C THR A 102 10.07 -6.05 -5.75
N LEU A 103 10.82 -7.07 -5.32
CA LEU A 103 11.75 -6.84 -4.21
C LEU A 103 12.64 -5.54 -4.29
N PRO A 104 13.45 -5.36 -5.35
CA PRO A 104 14.38 -4.24 -5.34
C PRO A 104 13.62 -2.92 -5.43
N GLY A 105 12.52 -2.93 -6.20
CA GLY A 105 11.66 -1.73 -6.34
C GLY A 105 11.07 -1.35 -5.01
N TYR A 106 10.57 -2.31 -4.29
CA TYR A 106 9.97 -2.06 -2.95
C TYR A 106 11.00 -1.63 -1.92
N MET A 107 12.18 -2.23 -1.92
CA MET A 107 13.18 -1.86 -0.91
C MET A 107 13.65 -0.42 -1.08
N LEU A 108 13.86 0.02 -2.32
CA LEU A 108 14.47 1.34 -2.55
C LEU A 108 13.44 2.40 -2.94
N ASN A 109 12.17 2.05 -3.12
CA ASN A 109 11.24 3.13 -3.58
C ASN A 109 11.21 4.33 -2.61
N SER A 110 11.31 5.53 -3.15
CA SER A 110 11.27 6.77 -2.35
C SER A 110 12.56 7.10 -1.57
N LEU A 111 13.55 6.22 -1.60
CA LEU A 111 14.73 6.49 -0.78
C LEU A 111 15.73 7.32 -1.56
N VAL A 112 16.62 7.99 -0.82
CA VAL A 112 17.61 8.84 -1.40
C VAL A 112 18.93 8.41 -0.76
N TRP A 113 19.98 8.23 -1.57
CA TRP A 113 21.28 7.79 -0.98
C TRP A 113 22.39 8.26 -1.93
N CYS A 114 23.63 8.27 -1.46
CA CYS A 114 24.71 8.66 -2.35
C CYS A 114 26.00 8.10 -1.82
N GLY A 115 26.82 7.61 -2.75
CA GLY A 115 28.17 7.31 -2.41
C GLY A 115 29.04 8.53 -2.19
N GLN A 116 30.16 8.33 -1.54
CA GLN A 116 31.21 9.39 -1.71
C GLN A 116 32.53 8.68 -1.74
N ARG A 117 33.57 9.39 -2.19
CA ARG A 117 34.93 8.80 -2.17
C ARG A 117 35.53 8.68 -0.78
N ALA A 118 35.36 9.70 0.06
CA ALA A 118 35.91 9.62 1.43
C ALA A 118 35.17 8.62 2.32
N ASN A 119 35.79 8.12 3.40
CA ASN A 119 35.11 7.17 4.30
C ASN A 119 33.88 7.86 4.89
N PRO A 120 32.81 7.12 5.24
CA PRO A 120 32.71 5.65 5.12
C PRO A 120 32.17 5.21 3.73
N GLY A 121 32.40 6.02 2.72
CA GLY A 121 32.05 5.59 1.38
C GLY A 121 30.62 5.92 0.97
N PHE A 122 29.84 6.51 1.88
CA PHE A 122 28.50 7.06 1.48
C PHE A 122 28.17 8.21 2.47
N ASN A 123 27.20 9.04 2.12
CA ASN A 123 26.91 10.22 2.99
C ASN A 123 25.55 10.12 3.55
N GLU A 124 25.42 10.17 4.89
CA GLU A 124 24.14 9.96 5.55
C GLU A 124 23.51 11.26 5.98
N LYS A 125 24.14 12.37 5.61
CA LYS A 125 23.64 13.71 5.94
C LYS A 125 23.35 14.61 4.73
N VAL A 126 24.11 14.52 3.65
CA VAL A 126 23.85 15.38 2.54
C VAL A 126 24.32 14.71 1.26
N CYS A 127 23.56 14.91 0.20
CA CYS A 127 23.87 14.40 -1.14
C CYS A 127 23.77 15.54 -2.15
N PRO A 128 24.70 15.57 -3.11
CA PRO A 128 24.49 16.54 -4.18
C PRO A 128 23.25 16.20 -4.98
N ASP A 129 22.60 17.25 -5.46
CA ASP A 129 21.49 17.16 -6.36
C ASP A 129 22.01 16.46 -7.62
N PHE A 130 21.32 15.43 -8.06
CA PHE A 130 21.83 14.52 -9.10
C PHE A 130 21.76 15.12 -10.51
N LYS A 131 20.97 16.20 -10.67
CA LYS A 131 20.86 16.92 -11.94
C LYS A 131 22.22 17.38 -12.40
N THR A 132 23.18 17.53 -11.48
CA THR A 132 24.54 17.92 -11.83
C THR A 132 25.35 16.81 -12.52
N CYS A 133 24.94 15.55 -12.36
CA CYS A 133 25.61 14.38 -12.97
C CYS A 133 25.23 14.05 -14.42
N PRO A 134 26.10 13.32 -15.14
CA PRO A 134 25.64 12.94 -16.46
C PRO A 134 24.44 11.97 -16.32
N VAL A 135 23.64 11.88 -17.38
CA VAL A 135 22.40 11.15 -17.39
C VAL A 135 22.63 9.67 -17.05
N GLN A 136 23.73 9.08 -17.50
CA GLN A 136 23.90 7.63 -17.18
C GLN A 136 24.13 7.37 -15.68
N ALA A 137 24.72 8.33 -14.99
CA ALA A 137 24.85 8.31 -13.53
C ALA A 137 23.53 8.56 -12.82
N ARG A 138 22.76 9.56 -13.30
CA ARG A 138 21.49 9.86 -12.68
C ARG A 138 20.56 8.67 -12.79
N GLU A 139 20.63 7.99 -13.94
CA GLU A 139 19.75 6.87 -14.23
C GLU A 139 20.41 5.57 -13.85
N SER A 140 21.55 5.59 -13.20
CA SER A 140 22.22 4.32 -12.90
C SER A 140 21.33 3.31 -12.19
N PHE A 141 20.72 3.71 -11.06
CA PHE A 141 19.89 2.74 -10.29
C PHE A 141 18.57 2.40 -10.96
N TRP A 142 17.72 3.40 -11.17
CA TRP A 142 16.39 3.06 -11.65
C TRP A 142 16.37 2.61 -13.13
N GLY A 143 17.32 3.12 -13.88
CA GLY A 143 17.54 2.66 -15.27
C GLY A 143 17.86 1.18 -15.32
N MET A 144 18.81 0.73 -14.50
CA MET A 144 19.11 -0.73 -14.49
C MET A 144 17.92 -1.53 -13.93
N ALA A 145 17.27 -0.98 -12.89
CA ALA A 145 16.04 -1.59 -12.32
C ALA A 145 15.00 -1.89 -13.38
N SER A 146 14.69 -0.87 -14.17
CA SER A 146 13.72 -0.99 -15.28
C SER A 146 14.18 -2.00 -16.32
N SER A 147 15.47 -1.96 -16.74
CA SER A 147 15.97 -2.88 -17.74
C SER A 147 15.81 -4.32 -17.25
N SER A 148 16.26 -4.56 -16.03
CA SER A 148 16.20 -5.93 -15.49
C SER A 148 14.73 -6.42 -15.37
N TYR A 149 13.87 -5.55 -14.90
CA TYR A 149 12.41 -5.86 -14.73
C TYR A 149 11.80 -6.13 -16.12
N ALA A 150 12.02 -5.22 -17.09
CA ALA A 150 11.47 -5.38 -18.45
C ALA A 150 11.97 -6.70 -19.06
N HIS A 151 13.25 -7.02 -18.81
CA HIS A 151 13.87 -8.20 -19.41
C HIS A 151 13.24 -9.47 -18.90
N SER A 152 12.64 -9.42 -17.69
CA SER A 152 11.98 -10.57 -17.14
C SER A 152 10.51 -10.68 -17.53
N ALA A 153 9.94 -9.69 -18.19
CA ALA A 153 8.53 -9.81 -18.57
C ALA A 153 8.26 -10.94 -19.59
N GLU A 154 7.08 -11.59 -19.47
CA GLU A 154 6.63 -12.58 -20.43
C GLU A 154 5.15 -12.43 -20.69
N GLY A 155 4.73 -12.78 -21.92
CA GLY A 155 3.31 -12.69 -22.31
C GLY A 155 2.95 -11.25 -22.65
N GLU A 156 1.77 -10.81 -22.24
CA GLU A 156 1.30 -9.43 -22.55
C GLU A 156 1.91 -8.48 -21.53
N VAL A 157 2.32 -7.29 -21.97
CA VAL A 157 2.73 -6.28 -21.04
C VAL A 157 1.84 -5.03 -21.25
N THR A 158 1.70 -4.22 -20.21
CA THR A 158 0.76 -3.12 -20.26
C THR A 158 1.57 -1.87 -19.95
N TYR A 159 1.22 -0.76 -20.61
CA TYR A 159 1.92 0.48 -20.48
C TYR A 159 0.93 1.60 -20.32
N MET A 160 0.92 2.21 -19.13
CA MET A 160 -0.06 3.25 -18.89
C MET A 160 0.65 4.59 -19.04
N VAL A 161 0.04 5.47 -19.82
CA VAL A 161 0.67 6.78 -20.17
C VAL A 161 -0.26 7.95 -19.96
N ASP A 162 0.32 9.14 -19.82
CA ASP A 162 -0.47 10.37 -19.62
C ASP A 162 -0.83 10.89 -20.98
N GLY A 163 -2.12 11.00 -21.27
CA GLY A 163 -2.54 11.46 -22.56
C GLY A 163 -3.00 12.93 -22.50
N SER A 164 -2.74 13.57 -21.36
CA SER A 164 -3.28 14.91 -21.12
C SER A 164 -2.22 15.95 -20.86
N ASN A 165 -0.98 15.65 -21.25
CA ASN A 165 0.12 16.57 -20.97
C ASN A 165 0.61 17.21 -22.26
N PRO A 166 0.26 18.53 -22.48
CA PRO A 166 0.71 19.13 -23.74
C PRO A 166 2.22 19.33 -23.84
N LYS A 167 2.96 19.19 -22.74
CA LYS A 167 4.42 19.40 -22.75
C LYS A 167 5.24 18.11 -22.85
N VAL A 168 4.58 16.98 -22.61
CA VAL A 168 5.32 15.73 -22.51
C VAL A 168 4.52 14.67 -23.30
N PRO A 169 5.02 14.27 -24.47
CA PRO A 169 4.38 13.25 -25.27
C PRO A 169 4.18 11.97 -24.50
N ALA A 170 3.06 11.33 -24.83
CA ALA A 170 2.70 10.02 -24.25
C ALA A 170 3.85 9.04 -24.38
N TYR A 171 4.48 8.99 -25.56
CA TYR A 171 5.63 8.14 -25.74
C TYR A 171 6.81 9.00 -26.14
N ARG A 172 7.93 8.78 -25.47
CA ARG A 172 9.18 9.49 -25.78
C ARG A 172 10.31 8.49 -25.78
N PRO A 173 11.19 8.55 -26.79
CA PRO A 173 12.35 7.67 -26.84
C PRO A 173 13.26 7.80 -25.62
N ASP A 174 13.32 9.01 -25.02
CA ASP A 174 14.27 9.18 -23.93
C ASP A 174 13.70 8.98 -22.53
N SER A 175 12.45 8.52 -22.43
CA SER A 175 11.85 8.24 -21.12
C SER A 175 12.44 6.89 -20.65
N PHE A 176 12.16 6.48 -19.42
CA PHE A 176 12.62 5.15 -18.96
C PHE A 176 12.01 4.04 -19.76
N PHE A 177 10.76 4.23 -20.15
CA PHE A 177 10.16 3.22 -20.98
C PHE A 177 10.90 3.06 -22.32
N GLY A 178 11.17 4.20 -22.94
CA GLY A 178 11.73 4.24 -24.30
C GLY A 178 13.19 3.79 -24.31
N LYS A 179 13.88 4.11 -23.22
CA LYS A 179 15.30 3.90 -23.15
C LYS A 179 15.65 2.56 -22.51
N TYR A 180 14.86 2.11 -21.51
CA TYR A 180 15.29 0.93 -20.73
C TYR A 180 14.25 -0.16 -20.76
N GLU A 181 12.96 0.15 -21.05
CA GLU A 181 11.99 -0.94 -20.91
C GLU A 181 11.67 -1.57 -22.27
N LEU A 182 11.17 -0.77 -23.19
CA LEU A 182 10.83 -1.31 -24.54
C LEU A 182 11.99 -2.05 -25.20
N PRO A 183 13.20 -1.46 -25.20
CA PRO A 183 14.35 -2.12 -25.83
C PRO A 183 14.73 -3.45 -25.17
N ASN A 184 14.27 -3.65 -23.93
CA ASN A 184 14.58 -4.87 -23.22
C ASN A 184 13.52 -5.96 -23.20
N LEU A 185 12.43 -5.72 -23.91
CA LEU A 185 11.41 -6.76 -24.03
C LEU A 185 11.93 -7.86 -24.92
N THR A 186 11.88 -9.09 -24.42
CA THR A 186 12.44 -10.20 -25.16
C THR A 186 11.37 -10.85 -25.98
N ASN A 187 11.79 -11.88 -26.70
CA ASN A 187 10.83 -12.52 -27.55
C ASN A 187 9.79 -13.36 -26.76
N LYS A 188 9.89 -13.40 -25.43
CA LYS A 188 8.81 -13.99 -24.58
C LYS A 188 7.61 -13.07 -24.43
N VAL A 189 7.79 -11.81 -24.77
CA VAL A 189 6.68 -10.86 -24.82
C VAL A 189 5.91 -11.03 -26.09
N THR A 190 4.58 -11.00 -25.99
CA THR A 190 3.69 -11.18 -27.18
C THR A 190 2.92 -9.94 -27.67
N ARG A 191 2.62 -9.03 -26.76
CA ARG A 191 1.75 -7.91 -27.04
C ARG A 191 2.11 -6.77 -26.08
N VAL A 192 2.05 -5.53 -26.59
CA VAL A 192 2.14 -4.31 -25.76
C VAL A 192 0.74 -3.66 -25.76
N LYS A 193 0.11 -3.57 -24.56
CA LYS A 193 -1.24 -3.05 -24.41
C LYS A 193 -1.14 -1.64 -23.80
N VAL A 194 -1.51 -0.61 -24.55
CA VAL A 194 -1.29 0.77 -24.03
C VAL A 194 -2.61 1.26 -23.47
N ILE A 195 -2.52 1.89 -22.30
CA ILE A 195 -3.70 2.49 -21.70
C ILE A 195 -3.32 3.99 -21.61
N VAL A 196 -4.09 4.80 -22.31
CA VAL A 196 -3.87 6.25 -22.35
C VAL A 196 -4.82 6.87 -21.31
N LEU A 197 -4.27 7.55 -20.31
CA LEU A 197 -5.06 8.11 -19.22
C LEU A 197 -5.37 9.57 -19.60
N HIS A 198 -6.65 9.92 -19.73
CA HIS A 198 -7.02 11.33 -19.92
C HIS A 198 -7.60 11.85 -18.61
N ARG A 199 -6.83 12.70 -17.94
CA ARG A 199 -7.26 13.28 -16.69
C ARG A 199 -8.57 14.04 -16.80
N LEU A 200 -9.36 13.94 -15.75
CA LEU A 200 -10.66 14.49 -15.77
C LEU A 200 -10.53 16.02 -15.76
N GLY A 201 -11.34 16.71 -16.54
CA GLY A 201 -11.28 18.19 -16.49
C GLY A 201 -10.07 18.77 -17.23
N GLU A 202 -9.35 17.95 -17.99
CA GLU A 202 -8.18 18.44 -18.73
C GLU A 202 -8.38 18.22 -20.22
N LYS A 203 -7.79 19.08 -21.06
CA LYS A 203 -7.95 18.92 -22.51
C LYS A 203 -7.23 17.60 -22.91
N ILE A 204 -7.89 16.76 -23.67
CA ILE A 204 -7.29 15.56 -24.26
C ILE A 204 -6.15 15.96 -25.24
N ILE A 205 -4.96 15.37 -25.06
CA ILE A 205 -3.81 15.78 -25.89
C ILE A 205 -3.40 14.67 -26.87
N GLU A 206 -3.21 13.47 -26.36
CA GLU A 206 -2.76 12.32 -27.13
C GLU A 206 -3.90 11.31 -27.31
N LYS A 207 -3.92 10.67 -28.46
CA LYS A 207 -4.98 9.74 -28.83
C LYS A 207 -4.34 8.54 -29.46
N CYS A 208 -4.91 7.36 -29.27
CA CYS A 208 -4.40 6.15 -29.89
C CYS A 208 -4.42 6.37 -31.42
N GLY A 209 -3.36 5.87 -32.04
CA GLY A 209 -3.14 5.94 -33.52
C GLY A 209 -2.71 7.30 -34.07
N ALA A 210 -2.37 8.23 -33.19
CA ALA A 210 -1.87 9.54 -33.64
C ALA A 210 -0.64 9.97 -32.84
N GLY A 211 0.16 10.91 -33.42
CA GLY A 211 1.35 11.51 -32.76
C GLY A 211 2.28 10.45 -32.22
N SER A 212 2.73 10.62 -30.97
CA SER A 212 3.80 9.77 -30.45
C SER A 212 3.27 8.35 -30.25
N LEU A 213 1.94 8.22 -30.10
CA LEU A 213 1.34 6.89 -29.93
C LEU A 213 1.35 6.10 -31.24
N LEU A 214 1.25 6.80 -32.35
CA LEU A 214 1.47 6.11 -33.63
C LEU A 214 2.96 5.74 -33.82
N ASP A 215 3.88 6.66 -33.51
CA ASP A 215 5.27 6.30 -33.50
C ASP A 215 5.47 4.98 -32.67
N LEU A 216 4.87 4.90 -31.47
CA LEU A 216 5.07 3.75 -30.60
C LEU A 216 4.46 2.50 -31.25
N GLU A 217 3.28 2.65 -31.82
CA GLU A 217 2.58 1.54 -32.50
C GLU A 217 3.51 0.94 -33.56
N LYS A 218 4.13 1.79 -34.34
CA LYS A 218 4.98 1.34 -35.44
C LYS A 218 6.18 0.60 -34.88
N LEU A 219 6.79 1.13 -33.79
CA LEU A 219 7.99 0.55 -33.21
C LEU A 219 7.69 -0.83 -32.61
N VAL A 220 6.57 -0.94 -31.90
CA VAL A 220 6.16 -2.21 -31.29
C VAL A 220 5.97 -3.25 -32.41
N LYS A 221 5.29 -2.81 -33.48
CA LYS A 221 5.06 -3.72 -34.58
C LYS A 221 6.36 -4.11 -35.29
N ALA A 222 7.28 -3.16 -35.46
CA ALA A 222 8.60 -3.46 -36.04
C ALA A 222 9.43 -4.38 -35.14
N LYS A 223 9.06 -4.48 -33.86
CA LYS A 223 9.78 -5.36 -32.93
C LYS A 223 9.06 -6.69 -32.87
N HIS A 224 8.04 -6.86 -33.71
CA HIS A 224 7.30 -8.13 -33.84
C HIS A 224 6.34 -8.51 -32.67
N PHE A 225 5.89 -7.51 -31.91
CA PHE A 225 4.81 -7.71 -30.91
C PHE A 225 3.44 -7.29 -31.43
N ALA A 226 2.39 -7.93 -30.94
CA ALA A 226 1.05 -7.37 -31.11
C ALA A 226 0.94 -6.03 -30.37
N PHE A 227 -0.09 -5.25 -30.70
CA PHE A 227 -0.25 -3.92 -30.10
C PHE A 227 -1.73 -3.60 -30.00
N ASP A 228 -2.13 -3.09 -28.84
CA ASP A 228 -3.43 -2.40 -28.77
C ASP A 228 -3.33 -1.16 -27.89
N CYS A 229 -4.38 -0.34 -27.97
CA CYS A 229 -4.35 0.96 -27.31
C CYS A 229 -5.79 1.30 -27.01
N VAL A 230 -6.04 1.74 -25.79
CA VAL A 230 -7.36 2.20 -25.35
C VAL A 230 -7.21 3.50 -24.55
N GLU A 231 -8.19 4.39 -24.68
CA GLU A 231 -8.23 5.62 -23.88
C GLU A 231 -9.29 5.52 -22.76
N ASN A 232 -8.88 5.79 -21.51
CA ASN A 232 -9.80 5.73 -20.34
C ASN A 232 -10.80 4.58 -20.46
N PRO A 233 -10.31 3.34 -20.48
CA PRO A 233 -11.20 2.18 -20.47
C PRO A 233 -12.01 2.21 -19.17
N ARG A 234 -13.17 1.57 -19.14
CA ARG A 234 -14.17 1.81 -18.06
C ARG A 234 -13.54 1.69 -16.71
N ALA A 235 -12.74 0.66 -16.51
CA ALA A 235 -12.17 0.37 -15.18
C ALA A 235 -11.29 1.49 -14.68
N VAL A 236 -10.52 2.10 -15.59
CA VAL A 236 -9.62 3.19 -15.19
C VAL A 236 -10.47 4.46 -14.99
N LEU A 237 -11.45 4.70 -15.86
CA LEU A 237 -12.31 5.91 -15.73
C LEU A 237 -12.98 5.91 -14.33
N PHE A 238 -13.46 4.75 -13.88
CA PHE A 238 -14.12 4.65 -12.58
C PHE A 238 -13.15 4.98 -11.46
N LEU A 239 -11.92 4.52 -11.63
CA LEU A 239 -10.88 4.89 -10.66
C LEU A 239 -10.67 6.44 -10.62
N LEU A 240 -10.60 7.08 -11.78
CA LEU A 240 -10.45 8.58 -11.83
C LEU A 240 -11.66 9.23 -11.19
N CYS A 241 -12.83 8.74 -11.57
CA CYS A 241 -14.10 9.22 -10.96
C CYS A 241 -14.17 9.08 -9.44
N SER A 242 -13.52 8.05 -8.84
CA SER A 242 -13.60 7.96 -7.38
C SER A 242 -12.93 9.16 -6.72
N ASP A 243 -11.91 9.75 -7.36
CA ASP A 243 -11.22 10.87 -6.73
C ASP A 243 -11.81 12.20 -7.12
N ASN A 244 -12.74 12.18 -8.08
CA ASN A 244 -13.41 13.42 -8.56
C ASN A 244 -14.81 13.09 -9.05
N PRO A 245 -15.73 12.69 -8.14
CA PRO A 245 -16.98 12.10 -8.55
C PRO A 245 -17.92 13.04 -9.22
N ASN A 246 -17.73 14.34 -8.98
CA ASN A 246 -18.58 15.36 -9.63
C ASN A 246 -18.06 15.89 -10.96
N ALA A 247 -16.95 15.33 -11.43
CA ALA A 247 -16.48 15.69 -12.79
C ALA A 247 -17.51 15.34 -13.89
N ARG A 248 -17.62 16.18 -14.90
CA ARG A 248 -18.64 15.98 -15.93
C ARG A 248 -18.57 14.58 -16.57
N GLU A 249 -17.38 14.00 -16.69
CA GLU A 249 -17.18 12.70 -17.36
C GLU A 249 -17.75 11.51 -16.54
N CYS A 250 -18.14 11.77 -15.29
CA CYS A 250 -18.50 10.69 -14.37
C CYS A 250 -20.00 10.58 -14.17
N ARG A 251 -20.78 11.21 -15.06
CA ARG A 251 -22.22 11.20 -14.86
C ARG A 251 -22.88 9.82 -14.98
N LEU A 252 -23.69 9.41 -14.01
CA LEU A 252 -24.39 8.10 -14.06
C LEU A 252 -25.71 8.05 -14.91
N ALA A 253 -26.12 6.86 -15.35
CA ALA A 253 -27.32 6.69 -16.19
C ALA A 253 -28.64 6.94 -15.44
N ALA B 2 -6.13 -24.97 14.51
CA ALA B 2 -4.79 -24.39 14.95
C ALA B 2 -4.17 -23.60 13.76
N ILE B 3 -3.63 -22.38 13.98
CA ILE B 3 -3.07 -21.57 12.85
C ILE B 3 -1.55 -21.40 12.87
N VAL B 4 -0.96 -20.97 11.75
CA VAL B 4 0.50 -21.03 11.55
C VAL B 4 1.10 -19.69 12.00
N PRO B 5 1.96 -19.72 13.05
CA PRO B 5 2.59 -18.46 13.46
C PRO B 5 3.49 -17.83 12.37
N THR B 6 3.57 -16.49 12.36
CA THR B 6 4.54 -15.83 11.51
C THR B 6 5.97 -16.22 11.87
N ARG B 7 6.74 -16.52 10.84
CA ARG B 7 8.17 -16.83 10.97
C ARG B 7 8.94 -15.60 11.32
N GLU B 8 9.99 -15.77 12.13
CA GLU B 8 10.89 -14.61 12.44
C GLU B 8 10.12 -13.40 12.97
N LEU B 9 9.24 -13.63 13.93
CA LEU B 9 8.29 -12.60 14.37
C LEU B 9 9.05 -11.33 14.78
N GLU B 10 10.11 -11.50 15.55
CA GLU B 10 10.82 -10.27 16.05
C GLU B 10 11.46 -9.53 14.85
N ASN B 11 12.11 -10.28 13.95
CA ASN B 11 12.75 -9.68 12.74
C ASN B 11 11.69 -8.92 11.94
N VAL B 12 10.51 -9.51 11.84
CA VAL B 12 9.48 -8.82 11.01
C VAL B 12 8.95 -7.57 11.73
N PHE B 13 8.69 -7.71 13.05
CA PHE B 13 8.20 -6.56 13.83
C PHE B 13 9.22 -5.43 13.74
N LEU B 14 10.48 -5.74 14.03
CA LEU B 14 11.53 -4.72 14.03
C LEU B 14 11.79 -4.11 12.65
N GLY B 15 11.68 -4.95 11.60
CA GLY B 15 11.85 -4.46 10.20
C GLY B 15 10.71 -3.53 9.77
N ARG B 16 9.48 -3.90 10.09
CA ARG B 16 8.35 -3.04 9.80
C ARG B 16 8.42 -1.74 10.68
N CYS B 17 8.86 -1.91 11.94
CA CYS B 17 8.93 -0.79 12.85
C CYS B 17 9.91 0.25 12.25
N LYS B 18 11.08 -0.22 11.84
CA LYS B 18 12.16 0.68 11.32
C LYS B 18 11.74 1.33 9.98
N ASP B 19 11.21 0.52 9.08
CA ASP B 19 10.62 1.03 7.84
C ASP B 19 9.61 2.17 8.10
N TYR B 20 8.70 1.94 9.06
CA TYR B 20 7.62 2.86 9.33
C TYR B 20 8.29 4.12 9.92
N GLU B 21 9.17 3.92 10.91
CA GLU B 21 9.78 5.07 11.68
C GLU B 21 10.41 6.08 10.67
N ILE B 22 11.21 5.53 9.78
CA ILE B 22 12.02 6.42 8.90
C ILE B 22 11.26 6.90 7.66
N THR B 23 10.34 6.10 7.14
CA THR B 23 9.84 6.35 5.79
C THR B 23 8.34 6.41 5.59
N ARG B 24 7.51 5.96 6.53
CA ARG B 24 6.06 5.76 6.28
C ARG B 24 5.20 6.84 6.99
N TYR B 25 4.23 7.36 6.27
CA TYR B 25 3.20 8.28 6.79
C TYR B 25 3.80 9.57 7.36
N LEU B 26 4.94 9.98 6.87
CA LEU B 26 5.71 11.10 7.46
C LEU B 26 4.91 12.42 7.45
N ASP B 27 4.08 12.61 6.44
CA ASP B 27 3.32 13.84 6.30
C ASP B 27 1.93 13.78 6.97
N ILE B 28 1.58 12.64 7.56
CA ILE B 28 0.24 12.51 8.13
C ILE B 28 0.15 12.00 9.58
N LEU B 29 1.11 11.18 10.00
CA LEU B 29 1.16 10.76 11.39
C LEU B 29 2.49 11.08 12.04
N PRO B 30 2.46 11.57 13.30
CA PRO B 30 3.73 11.84 14.03
C PRO B 30 4.49 10.54 14.30
N ARG B 31 5.78 10.68 14.57
CA ARG B 31 6.62 9.59 15.09
C ARG B 31 6.32 9.42 16.56
N VAL B 32 6.53 8.24 17.13
CA VAL B 32 6.43 8.04 18.57
C VAL B 32 7.81 8.22 19.20
N ARG B 33 7.82 8.50 20.51
CA ARG B 33 9.06 8.67 21.24
C ARG B 33 9.90 7.41 21.37
N SER B 34 9.25 6.25 21.53
CA SER B 34 10.03 5.02 21.87
C SER B 34 10.72 4.45 20.65
N ASP B 35 11.88 3.82 20.85
CA ASP B 35 12.55 3.16 19.76
C ASP B 35 11.98 1.76 19.56
N CYS B 36 12.34 1.18 18.42
CA CYS B 36 11.75 -0.09 18.00
C CYS B 36 12.10 -1.22 18.97
N SER B 37 13.30 -1.16 19.55
CA SER B 37 13.68 -2.22 20.51
C SER B 37 12.80 -2.09 21.81
N ALA B 38 12.46 -0.86 22.23
CA ALA B 38 11.58 -0.66 23.40
C ALA B 38 10.15 -1.09 23.10
N LEU B 39 9.71 -0.80 21.87
CA LEU B 39 8.39 -1.26 21.50
C LEU B 39 8.30 -2.77 21.44
N TRP B 40 9.31 -3.43 20.88
CA TRP B 40 9.39 -4.88 20.95
C TRP B 40 9.27 -5.38 22.36
N LYS B 41 10.11 -4.84 23.25
CA LYS B 41 10.04 -5.28 24.65
C LYS B 41 8.62 -5.23 25.29
N ASP B 42 7.91 -4.11 25.07
CA ASP B 42 6.50 -3.97 25.57
C ASP B 42 5.51 -4.96 24.90
N PHE B 43 5.70 -5.17 23.61
CA PHE B 43 4.85 -6.04 22.85
C PHE B 43 5.07 -7.45 23.34
N PHE B 44 6.34 -7.84 23.45
CA PHE B 44 6.66 -9.24 23.76
C PHE B 44 6.22 -9.63 25.17
N LYS B 45 6.42 -8.72 26.12
CA LYS B 45 6.01 -9.01 27.51
C LYS B 45 4.51 -9.18 27.74
N ALA B 46 3.68 -8.69 26.81
CA ALA B 46 2.27 -8.82 26.94
C ALA B 46 1.85 -10.27 26.90
N PHE B 47 2.49 -11.06 26.02
CA PHE B 47 2.04 -12.43 25.85
C PHE B 47 3.06 -13.51 26.19
N SER B 48 4.32 -13.10 26.34
CA SER B 48 5.36 -14.11 26.45
C SER B 48 5.39 -14.88 27.78
N PHE B 49 5.84 -16.15 27.72
CA PHE B 49 6.03 -16.97 28.92
C PHE B 49 4.74 -17.23 29.67
N LYS B 50 3.65 -17.21 28.91
CA LYS B 50 2.32 -17.51 29.41
C LYS B 50 1.62 -18.45 28.43
N ASN B 51 0.60 -19.17 28.91
CA ASN B 51 -0.23 -20.01 28.07
C ASN B 51 -0.86 -19.10 27.01
N PRO B 52 -1.09 -19.63 25.80
CA PRO B 52 -1.48 -18.79 24.67
C PRO B 52 -2.86 -18.10 24.85
N CYS B 53 -3.76 -18.63 25.74
CA CYS B 53 -5.00 -17.89 26.08
C CYS B 53 -4.99 -17.00 27.35
N ASP B 54 -3.83 -16.83 27.97
CA ASP B 54 -3.71 -16.11 29.23
C ASP B 54 -3.49 -14.62 28.92
N LEU B 55 -4.53 -14.00 28.36
CA LEU B 55 -4.54 -12.57 28.01
C LEU B 55 -5.86 -11.92 28.36
N ASP B 56 -5.83 -10.60 28.55
CA ASP B 56 -7.06 -9.82 28.64
C ASP B 56 -6.82 -8.44 28.04
N LEU B 57 -7.82 -7.56 28.13
CA LEU B 57 -7.66 -6.22 27.55
C LEU B 57 -6.44 -5.48 28.09
N GLY B 58 -6.01 -5.79 29.30
CA GLY B 58 -4.86 -5.06 29.85
C GLY B 58 -3.50 -5.57 29.38
N SER B 59 -3.46 -6.71 28.67
CA SER B 59 -2.16 -7.43 28.53
C SER B 59 -1.16 -6.53 27.74
N TYR B 60 -1.64 -5.84 26.69
CA TYR B 60 -0.76 -4.98 25.83
C TYR B 60 -0.85 -3.50 26.19
N LYS B 61 -1.21 -3.19 27.43
CA LYS B 61 -1.42 -1.81 27.85
C LYS B 61 -0.19 -0.97 27.56
N ASP B 62 0.99 -1.44 27.99
CA ASP B 62 2.24 -0.65 27.87
C ASP B 62 2.62 -0.49 26.37
N PHE B 63 2.47 -1.57 25.62
CA PHE B 63 2.78 -1.51 24.18
C PHE B 63 1.91 -0.40 23.54
N PHE B 64 0.61 -0.47 23.77
CA PHE B 64 -0.29 0.49 23.08
C PHE B 64 -0.11 1.94 23.50
N THR B 65 0.16 2.12 24.80
CA THR B 65 0.46 3.50 25.29
C THR B 65 1.79 4.02 24.66
N SER B 66 2.82 3.19 24.59
CA SER B 66 4.07 3.55 23.88
C SER B 66 3.85 3.83 22.38
N ALA B 67 2.97 3.05 21.72
CA ALA B 67 2.83 3.11 20.26
C ALA B 67 1.81 4.16 19.79
N GLN B 68 1.10 4.79 20.71
CA GLN B 68 -0.07 5.59 20.26
C GLN B 68 0.39 6.90 19.69
N GLN B 69 -0.13 7.23 18.51
CA GLN B 69 0.17 8.52 17.89
C GLN B 69 -1.05 9.43 18.00
N GLN B 70 -0.81 10.75 18.02
CA GLN B 70 -1.90 11.74 17.78
C GLN B 70 -2.42 11.57 16.39
N LEU B 71 -3.75 11.62 16.23
CA LEU B 71 -4.37 11.31 14.93
C LEU B 71 -4.95 12.60 14.24
N PRO B 72 -4.91 12.64 12.91
CA PRO B 72 -5.36 13.82 12.14
C PRO B 72 -6.85 14.06 12.32
N LYS B 73 -7.20 15.27 12.77
CA LYS B 73 -8.58 15.63 13.04
C LYS B 73 -9.41 15.42 11.77
N ASN B 74 -10.64 14.91 11.93
CA ASN B 74 -11.55 14.60 10.85
C ASN B 74 -11.15 13.46 9.94
N LYS B 75 -10.03 12.78 10.21
CA LYS B 75 -9.50 11.83 9.22
C LYS B 75 -9.62 10.42 9.64
N VAL B 76 -10.09 10.18 10.85
CA VAL B 76 -10.11 8.77 11.34
C VAL B 76 -11.26 7.99 10.73
N MET B 77 -10.98 6.76 10.22
CA MET B 77 -11.99 5.83 9.76
C MET B 77 -11.95 4.55 10.58
N PHE B 78 -13.14 4.01 10.84
CA PHE B 78 -13.35 2.69 11.42
C PHE B 78 -14.05 1.89 10.33
N TRP B 79 -13.99 0.56 10.47
CA TRP B 79 -14.66 -0.28 9.48
C TRP B 79 -15.07 -1.61 10.14
N SER B 80 -16.09 -2.24 9.57
CA SER B 80 -16.53 -3.59 10.01
C SER B 80 -16.98 -4.37 8.79
N GLY B 81 -16.34 -5.50 8.48
CA GLY B 81 -16.89 -6.40 7.43
C GLY B 81 -16.51 -6.04 5.99
N VAL B 82 -15.70 -4.97 5.83
CA VAL B 82 -15.42 -4.40 4.54
C VAL B 82 -13.91 -4.05 4.43
N TYR B 83 -13.05 -4.96 4.87
CA TYR B 83 -11.63 -4.60 4.86
C TYR B 83 -11.12 -3.97 3.56
N ASP B 84 -11.28 -4.69 2.41
CA ASP B 84 -10.66 -4.18 1.19
C ASP B 84 -11.26 -2.84 0.77
N GLU B 85 -12.59 -2.75 0.84
CA GLU B 85 -13.27 -1.52 0.37
C GLU B 85 -12.85 -0.29 1.21
N ALA B 86 -12.86 -0.44 2.53
CA ALA B 86 -12.47 0.67 3.38
C ALA B 86 -11.01 1.09 3.18
N HIS B 87 -10.11 0.11 3.07
CA HIS B 87 -8.68 0.41 2.86
C HIS B 87 -8.42 1.02 1.49
N ASP B 88 -9.11 0.49 0.50
CA ASP B 88 -9.02 1.03 -0.84
C ASP B 88 -9.48 2.48 -0.85
N TYR B 89 -10.61 2.76 -0.17
CA TYR B 89 -11.18 4.13 -0.12
C TYR B 89 -10.32 5.09 0.71
N ALA B 90 -9.77 4.60 1.84
CA ALA B 90 -9.01 5.47 2.73
C ALA B 90 -7.73 5.82 1.99
N ASN B 91 -7.24 4.86 1.21
CA ASN B 91 -6.18 5.08 0.25
C ASN B 91 -4.86 5.44 0.99
N THR B 92 -4.43 4.46 1.82
CA THR B 92 -3.21 4.51 2.64
C THR B 92 -2.95 5.95 3.18
N GLY B 93 -3.95 6.43 3.91
CA GLY B 93 -3.90 7.67 4.64
C GLY B 93 -4.05 8.95 3.86
N ARG B 94 -4.25 8.85 2.54
CA ARG B 94 -4.35 10.08 1.76
C ARG B 94 -5.71 10.75 1.91
N LYS B 95 -6.74 9.98 2.25
CA LYS B 95 -8.08 10.50 2.41
C LYS B 95 -8.59 10.28 3.88
N TYR B 96 -8.39 9.05 4.38
CA TYR B 96 -8.67 8.74 5.75
C TYR B 96 -7.51 7.90 6.24
N ILE B 97 -7.39 7.84 7.56
CA ILE B 97 -6.50 6.98 8.27
C ILE B 97 -7.29 5.76 8.69
N THR B 98 -6.68 4.56 8.72
CA THR B 98 -7.31 3.37 9.31
C THR B 98 -6.34 2.94 10.40
N LEU B 99 -6.81 2.08 11.28
CA LEU B 99 -5.90 1.52 12.35
C LEU B 99 -4.62 0.93 11.72
N GLU B 100 -4.79 0.28 10.59
CA GLU B 100 -3.73 -0.36 9.90
C GLU B 100 -2.63 0.61 9.31
N ASP B 101 -2.92 1.90 9.21
CA ASP B 101 -1.96 2.88 8.81
C ASP B 101 -1.18 3.39 10.01
N THR B 102 -1.69 3.16 11.21
CA THR B 102 -0.97 3.71 12.39
C THR B 102 0.19 2.76 12.70
N LEU B 103 1.14 3.22 13.55
CA LEU B 103 2.33 2.38 13.82
C LEU B 103 1.96 0.97 14.33
N PRO B 104 1.12 0.88 15.38
CA PRO B 104 0.94 -0.54 15.87
C PRO B 104 0.14 -1.38 14.91
N GLY B 105 -0.80 -0.75 14.23
CA GLY B 105 -1.61 -1.57 13.28
C GLY B 105 -0.76 -1.99 12.09
N TYR B 106 0.12 -1.13 11.62
CA TYR B 106 1.02 -1.49 10.51
C TYR B 106 1.98 -2.60 10.89
N MET B 107 2.55 -2.51 12.07
CA MET B 107 3.48 -3.56 12.50
C MET B 107 2.87 -4.95 12.61
N LEU B 108 1.67 -5.07 13.22
CA LEU B 108 1.09 -6.40 13.48
C LEU B 108 0.12 -6.87 12.45
N ASN B 109 -0.30 -5.98 11.55
CA ASN B 109 -1.28 -6.42 10.54
C ASN B 109 -0.94 -7.74 9.85
N SER B 110 -1.91 -8.63 9.84
CA SER B 110 -1.82 -9.98 9.26
C SER B 110 -0.92 -10.92 9.98
N LEU B 111 -0.23 -10.50 11.01
CA LEU B 111 0.69 -11.45 11.71
C LEU B 111 -0.04 -12.37 12.68
N VAL B 112 0.59 -13.51 13.01
CA VAL B 112 -0.02 -14.48 13.89
C VAL B 112 1.04 -14.81 14.93
N TRP B 113 0.69 -14.76 16.24
CA TRP B 113 1.72 -15.07 17.26
C TRP B 113 0.97 -15.49 18.52
N CYS B 114 1.68 -16.18 19.44
CA CYS B 114 1.04 -16.49 20.74
C CYS B 114 2.08 -16.93 21.74
N GLY B 115 1.73 -16.91 23.00
CA GLY B 115 2.75 -17.24 23.97
C GLY B 115 2.73 -18.73 24.26
N GLN B 116 3.77 -19.19 24.93
CA GLN B 116 3.74 -20.48 25.63
C GLN B 116 4.54 -20.28 26.89
N ARG B 117 4.37 -21.17 27.86
CA ARG B 117 5.12 -21.06 29.11
C ARG B 117 6.60 -21.37 28.96
N ALA B 118 6.91 -22.44 28.23
CA ALA B 118 8.29 -22.92 28.07
C ALA B 118 9.13 -21.90 27.27
N ASN B 119 10.41 -21.91 27.52
CA ASN B 119 11.34 -21.17 26.70
C ASN B 119 11.14 -21.59 25.21
N PRO B 120 11.20 -20.63 24.23
CA PRO B 120 11.51 -19.18 24.36
C PRO B 120 10.31 -18.23 24.72
N GLY B 121 9.23 -18.81 25.19
CA GLY B 121 8.09 -18.02 25.70
C GLY B 121 7.07 -17.61 24.65
N PHE B 122 7.27 -18.07 23.41
CA PHE B 122 6.26 -17.88 22.33
C PHE B 122 6.35 -19.10 21.46
N ASN B 123 5.25 -19.42 20.81
CA ASN B 123 5.13 -20.68 20.13
C ASN B 123 5.36 -20.48 18.65
N GLU B 124 6.43 -21.09 18.14
CA GLU B 124 6.79 -20.91 16.72
C GLU B 124 6.22 -21.99 15.87
N LYS B 125 5.50 -22.92 16.50
CA LYS B 125 5.00 -24.07 15.75
C LYS B 125 3.53 -23.90 15.44
N VAL B 126 2.71 -23.58 16.44
CA VAL B 126 1.29 -23.54 16.24
C VAL B 126 0.66 -22.53 17.21
N CYS B 127 -0.44 -21.91 16.80
CA CYS B 127 -1.25 -21.04 17.69
C CYS B 127 -2.70 -21.49 17.64
N PRO B 128 -3.45 -21.23 18.72
CA PRO B 128 -4.85 -21.65 18.77
C PRO B 128 -5.70 -21.00 17.69
N ASP B 129 -6.69 -21.75 17.18
CA ASP B 129 -7.72 -21.18 16.31
C ASP B 129 -8.40 -20.02 17.04
N PHE B 130 -8.75 -18.98 16.28
CA PHE B 130 -9.47 -17.78 16.75
C PHE B 130 -10.89 -18.21 17.11
N LYS B 131 -11.00 -18.87 18.26
CA LYS B 131 -12.26 -19.34 18.79
C LYS B 131 -12.00 -20.26 19.99
N THR B 132 -10.79 -20.83 20.11
CA THR B 132 -10.49 -21.61 21.32
C THR B 132 -10.25 -20.79 22.60
N CYS B 133 -9.69 -19.59 22.51
CA CYS B 133 -9.47 -18.81 23.74
C CYS B 133 -10.73 -18.06 24.14
N PRO B 134 -10.89 -17.78 25.46
CA PRO B 134 -12.00 -16.88 25.86
C PRO B 134 -11.99 -15.50 25.13
N VAL B 135 -13.12 -14.81 25.13
CA VAL B 135 -13.26 -13.62 24.28
C VAL B 135 -12.28 -12.49 24.64
N GLN B 136 -12.07 -12.25 25.91
CA GLN B 136 -11.19 -11.15 26.35
C GLN B 136 -9.73 -11.46 25.96
N ALA B 137 -9.40 -12.76 25.74
CA ALA B 137 -8.06 -13.15 25.29
C ALA B 137 -7.97 -13.05 23.74
N ARG B 138 -8.95 -13.60 23.05
CA ARG B 138 -9.00 -13.49 21.60
C ARG B 138 -8.96 -12.01 21.18
N GLU B 139 -9.61 -11.16 21.93
CA GLU B 139 -9.68 -9.70 21.56
C GLU B 139 -8.61 -8.86 22.24
N SER B 140 -7.74 -9.49 22.99
CA SER B 140 -6.74 -8.76 23.77
C SER B 140 -5.90 -7.78 22.93
N PHE B 141 -5.38 -8.21 21.76
CA PHE B 141 -4.42 -7.31 21.08
C PHE B 141 -5.21 -6.26 20.27
N TRP B 142 -6.02 -6.79 19.37
CA TRP B 142 -6.82 -5.90 18.48
C TRP B 142 -7.89 -5.06 19.20
N GLY B 143 -8.45 -5.61 20.28
CA GLY B 143 -9.41 -4.86 21.13
C GLY B 143 -8.76 -3.62 21.75
N MET B 144 -7.57 -3.83 22.31
CA MET B 144 -6.90 -2.70 22.93
C MET B 144 -6.34 -1.77 21.80
N ALA B 145 -5.90 -2.34 20.66
CA ALA B 145 -5.48 -1.46 19.51
C ALA B 145 -6.65 -0.51 19.15
N SER B 146 -7.85 -1.11 19.00
CA SER B 146 -9.08 -0.33 18.67
C SER B 146 -9.47 0.74 19.71
N SER B 147 -9.38 0.36 20.98
CA SER B 147 -9.66 1.22 22.13
C SER B 147 -8.75 2.42 22.11
N SER B 148 -7.45 2.16 21.93
CA SER B 148 -6.45 3.24 21.97
C SER B 148 -6.59 4.16 20.80
N TYR B 149 -6.80 3.56 19.64
CA TYR B 149 -7.07 4.30 18.42
C TYR B 149 -8.31 5.19 18.49
N ALA B 150 -9.46 4.62 18.85
CA ALA B 150 -10.69 5.38 18.98
C ALA B 150 -10.54 6.49 19.99
N HIS B 151 -9.82 6.24 21.09
CA HIS B 151 -9.64 7.29 22.15
C HIS B 151 -8.85 8.52 21.64
N SER B 152 -7.99 8.35 20.61
CA SER B 152 -7.19 9.43 20.03
C SER B 152 -7.92 10.18 18.91
N ALA B 153 -9.07 9.69 18.48
CA ALA B 153 -9.80 10.31 17.38
C ALA B 153 -10.35 11.67 17.79
N GLU B 154 -10.29 12.61 16.85
CA GLU B 154 -10.78 13.97 17.07
C GLU B 154 -11.60 14.44 15.84
N GLY B 155 -12.62 15.24 16.09
CA GLY B 155 -13.46 15.85 15.02
C GLY B 155 -14.42 14.85 14.41
N GLU B 156 -14.57 14.88 13.10
CA GLU B 156 -15.49 13.91 12.44
C GLU B 156 -14.77 12.58 12.31
N VAL B 157 -15.49 11.48 12.58
CA VAL B 157 -14.97 10.15 12.30
C VAL B 157 -15.86 9.46 11.30
N THR B 158 -15.32 8.48 10.56
CA THR B 158 -16.09 7.85 9.51
C THR B 158 -16.13 6.35 9.79
N TYR B 159 -17.26 5.71 9.49
CA TYR B 159 -17.38 4.28 9.82
C TYR B 159 -17.98 3.58 8.60
N MET B 160 -17.26 2.61 8.01
CA MET B 160 -17.76 1.97 6.85
C MET B 160 -18.20 0.57 7.25
N VAL B 161 -19.40 0.20 6.81
CA VAL B 161 -20.01 -1.06 7.25
C VAL B 161 -20.56 -1.82 6.05
N ASP B 162 -20.84 -3.10 6.26
CA ASP B 162 -21.42 -3.95 5.17
C ASP B 162 -22.94 -3.98 5.29
N GLY B 163 -23.65 -3.44 4.30
CA GLY B 163 -25.09 -3.44 4.29
C GLY B 163 -25.70 -4.57 3.47
N SER B 164 -24.88 -5.54 3.10
CA SER B 164 -25.30 -6.64 2.22
C SER B 164 -24.99 -8.01 2.81
N ASN B 165 -24.83 -8.14 4.12
CA ASN B 165 -24.49 -9.42 4.71
C ASN B 165 -25.70 -9.95 5.50
N PRO B 166 -26.41 -10.97 4.97
CA PRO B 166 -27.63 -11.47 5.62
C PRO B 166 -27.38 -12.18 6.96
N LYS B 167 -26.13 -12.50 7.24
CA LYS B 167 -25.76 -13.21 8.46
C LYS B 167 -25.26 -12.27 9.57
N VAL B 168 -24.85 -11.06 9.20
CA VAL B 168 -24.16 -10.18 10.11
C VAL B 168 -24.66 -8.74 9.89
N PRO B 169 -25.33 -8.19 10.91
CA PRO B 169 -25.81 -6.80 10.85
C PRO B 169 -24.68 -5.80 10.59
N ALA B 170 -25.03 -4.71 9.93
CA ALA B 170 -24.07 -3.69 9.61
C ALA B 170 -23.34 -3.18 10.88
N TYR B 171 -24.14 -2.95 11.91
CA TYR B 171 -23.69 -2.57 13.26
C TYR B 171 -24.08 -3.63 14.28
N ARG B 172 -23.13 -3.99 15.17
CA ARG B 172 -23.33 -4.94 16.24
C ARG B 172 -22.60 -4.37 17.45
N PRO B 173 -23.20 -4.44 18.63
CA PRO B 173 -22.52 -3.98 19.85
C PRO B 173 -21.31 -4.89 20.20
N ASP B 174 -21.28 -6.10 19.66
CA ASP B 174 -20.18 -7.00 19.96
C ASP B 174 -19.06 -7.06 18.91
N SER B 175 -19.07 -6.21 17.87
CA SER B 175 -17.96 -6.14 16.88
C SER B 175 -16.84 -5.33 17.55
N PHE B 176 -15.70 -5.23 16.93
CA PHE B 176 -14.72 -4.33 17.49
C PHE B 176 -15.06 -2.90 17.57
N PHE B 177 -15.75 -2.42 16.55
CA PHE B 177 -16.23 -1.07 16.61
C PHE B 177 -17.22 -0.92 17.78
N GLY B 178 -18.18 -1.86 17.89
CA GLY B 178 -19.25 -1.73 18.89
C GLY B 178 -18.76 -1.83 20.32
N LYS B 179 -17.79 -2.71 20.53
CA LYS B 179 -17.35 -3.02 21.87
C LYS B 179 -16.21 -2.09 22.28
N TYR B 180 -15.34 -1.77 21.34
CA TYR B 180 -14.10 -1.03 21.65
C TYR B 180 -13.94 0.32 21.06
N GLU B 181 -14.63 0.60 19.95
CA GLU B 181 -14.35 1.85 19.36
C GLU B 181 -15.40 2.89 19.77
N LEU B 182 -16.65 2.62 19.40
CA LEU B 182 -17.74 3.58 19.75
C LEU B 182 -17.68 4.03 21.23
N PRO B 183 -17.49 3.07 22.13
CA PRO B 183 -17.48 3.44 23.58
C PRO B 183 -16.24 4.28 23.99
N ASN B 184 -15.19 4.28 23.15
CA ASN B 184 -14.03 5.10 23.39
C ASN B 184 -13.97 6.40 22.68
N LEU B 185 -15.03 6.76 21.93
CA LEU B 185 -15.03 8.10 21.33
C LEU B 185 -15.21 9.16 22.43
N THR B 186 -14.39 10.19 22.44
CA THR B 186 -14.39 11.20 23.52
C THR B 186 -15.12 12.42 23.05
N ASN B 187 -15.16 13.41 23.93
CA ASN B 187 -15.91 14.66 23.60
C ASN B 187 -15.20 15.51 22.58
N LYS B 188 -14.00 15.08 22.18
CA LYS B 188 -13.36 15.69 21.03
C LYS B 188 -13.95 15.26 19.67
N VAL B 189 -14.78 14.20 19.69
CA VAL B 189 -15.39 13.70 18.46
C VAL B 189 -16.61 14.54 18.28
N THR B 190 -16.91 14.96 17.06
CA THR B 190 -18.07 15.80 16.82
C THR B 190 -19.20 15.19 16.03
N ARG B 191 -18.87 14.15 15.26
CA ARG B 191 -19.79 13.60 14.26
C ARG B 191 -19.35 12.20 13.89
N VAL B 192 -20.30 11.23 13.82
CA VAL B 192 -20.01 9.91 13.26
C VAL B 192 -20.69 9.89 11.89
N LYS B 193 -19.91 9.71 10.81
CA LYS B 193 -20.35 9.65 9.40
C LYS B 193 -20.30 8.18 8.94
N VAL B 194 -21.48 7.58 8.77
CA VAL B 194 -21.53 6.14 8.38
C VAL B 194 -21.60 6.04 6.86
N ILE B 195 -20.78 5.15 6.36
CA ILE B 195 -20.90 4.78 4.97
C ILE B 195 -21.32 3.31 4.88
N VAL B 196 -22.49 3.10 4.26
CA VAL B 196 -22.97 1.76 4.07
C VAL B 196 -22.61 1.21 2.68
N LEU B 197 -21.93 0.09 2.68
CA LEU B 197 -21.54 -0.54 1.44
C LEU B 197 -22.67 -1.48 1.02
N HIS B 198 -23.14 -1.23 -0.19
CA HIS B 198 -24.06 -2.17 -0.84
C HIS B 198 -23.31 -2.84 -1.93
N ARG B 199 -22.88 -4.06 -1.68
CA ARG B 199 -22.01 -4.72 -2.64
C ARG B 199 -22.76 -4.85 -4.01
N LEU B 200 -21.99 -4.69 -5.11
CA LEU B 200 -22.62 -4.65 -6.44
C LEU B 200 -23.20 -6.01 -6.78
N GLY B 201 -24.43 -6.04 -7.28
CA GLY B 201 -25.06 -7.31 -7.66
C GLY B 201 -25.58 -8.12 -6.48
N GLU B 202 -25.52 -7.57 -5.28
CA GLU B 202 -26.01 -8.29 -4.12
C GLU B 202 -27.25 -7.67 -3.53
N LYS B 203 -28.11 -8.49 -2.90
CA LYS B 203 -29.27 -7.94 -2.22
C LYS B 203 -28.87 -6.97 -1.10
N ILE B 204 -29.55 -5.84 -1.03
CA ILE B 204 -29.40 -4.92 0.12
C ILE B 204 -30.07 -5.54 1.34
N ILE B 205 -29.33 -5.65 2.45
CA ILE B 205 -29.84 -6.16 3.67
C ILE B 205 -30.15 -5.02 4.64
N GLU B 206 -29.30 -4.00 4.66
CA GLU B 206 -29.41 -2.96 5.64
C GLU B 206 -29.30 -1.61 4.97
N LYS B 207 -30.07 -0.67 5.51
CA LYS B 207 -30.12 0.69 4.95
C LYS B 207 -30.05 1.71 6.05
N CYS B 208 -29.54 2.89 5.72
CA CYS B 208 -29.59 4.01 6.65
C CYS B 208 -31.01 4.17 7.13
N GLY B 209 -31.14 4.48 8.41
CA GLY B 209 -32.43 4.85 9.06
C GLY B 209 -33.32 3.66 9.35
N ALA B 210 -32.73 2.47 9.38
CA ALA B 210 -33.50 1.25 9.63
C ALA B 210 -32.56 0.21 10.21
N GLY B 211 -33.14 -0.89 10.75
CA GLY B 211 -32.35 -1.97 11.33
C GLY B 211 -31.29 -1.56 12.37
N SER B 212 -30.12 -2.18 12.24
CA SER B 212 -29.04 -1.90 13.15
C SER B 212 -28.51 -0.49 12.94
N LEU B 213 -28.72 0.11 11.73
CA LEU B 213 -28.24 1.50 11.56
C LEU B 213 -29.01 2.54 12.40
N LEU B 214 -30.26 2.25 12.65
CA LEU B 214 -31.07 3.00 13.60
C LEU B 214 -30.57 2.84 15.03
N ASP B 215 -30.15 1.63 15.40
CA ASP B 215 -29.63 1.41 16.74
C ASP B 215 -28.39 2.27 16.90
N LEU B 216 -27.54 2.24 15.86
CA LEU B 216 -26.31 3.00 15.92
C LEU B 216 -26.57 4.51 16.03
N GLU B 217 -27.48 4.99 15.20
CA GLU B 217 -27.86 6.38 15.21
C GLU B 217 -28.35 6.79 16.58
N LYS B 218 -29.20 5.95 17.20
CA LYS B 218 -29.69 6.25 18.56
C LYS B 218 -28.48 6.44 19.54
N LEU B 219 -27.52 5.51 19.46
CA LEU B 219 -26.40 5.56 20.41
C LEU B 219 -25.49 6.74 20.14
N VAL B 220 -25.26 7.05 18.89
CA VAL B 220 -24.39 8.16 18.55
C VAL B 220 -25.00 9.47 19.08
N LYS B 221 -26.31 9.63 18.84
CA LYS B 221 -26.97 10.84 19.30
C LYS B 221 -26.97 10.93 20.83
N ALA B 222 -27.12 9.80 21.51
CA ALA B 222 -27.12 9.77 22.99
C ALA B 222 -25.77 10.24 23.51
N LYS B 223 -24.73 10.13 22.69
CA LYS B 223 -23.40 10.64 23.10
C LYS B 223 -23.18 12.07 22.69
N HIS B 224 -24.21 12.73 22.16
CA HIS B 224 -24.09 14.13 21.74
C HIS B 224 -23.19 14.38 20.55
N PHE B 225 -22.97 13.35 19.73
CA PHE B 225 -22.28 13.53 18.47
C PHE B 225 -23.34 13.72 17.38
N ALA B 226 -23.03 14.50 16.36
CA ALA B 226 -23.87 14.51 15.16
C ALA B 226 -23.79 13.15 14.44
N PHE B 227 -24.74 12.91 13.54
CA PHE B 227 -24.77 11.61 12.83
C PHE B 227 -25.16 11.86 11.41
N ASP B 228 -24.45 11.27 10.46
CA ASP B 228 -25.04 11.08 9.12
C ASP B 228 -24.74 9.70 8.58
N CYS B 229 -25.49 9.32 7.55
CA CYS B 229 -25.37 8.00 6.97
C CYS B 229 -25.66 8.05 5.49
N VAL B 230 -24.76 7.43 4.70
CA VAL B 230 -25.02 7.38 3.26
C VAL B 230 -24.72 5.95 2.74
N GLU B 231 -25.45 5.51 1.72
CA GLU B 231 -25.27 4.19 1.11
C GLU B 231 -24.55 4.40 -0.24
N ASN B 232 -23.44 3.71 -0.45
CA ASN B 232 -22.68 3.82 -1.71
C ASN B 232 -22.59 5.24 -2.21
N PRO B 233 -21.98 6.14 -1.41
CA PRO B 233 -21.72 7.47 -1.93
C PRO B 233 -20.87 7.38 -3.22
N ARG B 234 -21.05 8.34 -4.13
CA ARG B 234 -20.46 8.19 -5.47
C ARG B 234 -18.97 7.79 -5.42
N ALA B 235 -18.16 8.35 -4.52
CA ALA B 235 -16.72 8.04 -4.55
C ALA B 235 -16.49 6.55 -4.30
N VAL B 236 -17.29 6.00 -3.39
CA VAL B 236 -17.16 4.59 -3.07
C VAL B 236 -17.77 3.74 -4.23
N LEU B 237 -18.98 4.07 -4.68
CA LEU B 237 -19.55 3.38 -5.82
C LEU B 237 -18.50 3.25 -6.98
N PHE B 238 -17.79 4.37 -7.27
CA PHE B 238 -16.87 4.37 -8.39
C PHE B 238 -15.69 3.40 -8.17
N LEU B 239 -15.19 3.38 -6.96
CA LEU B 239 -14.20 2.38 -6.58
C LEU B 239 -14.71 0.96 -6.82
N LEU B 240 -15.95 0.67 -6.42
CA LEU B 240 -16.50 -0.70 -6.60
C LEU B 240 -16.60 -1.06 -8.11
N CYS B 241 -17.08 -0.09 -8.88
CA CYS B 241 -17.27 -0.20 -10.29
C CYS B 241 -15.98 -0.44 -11.05
N SER B 242 -14.90 0.17 -10.56
CA SER B 242 -13.59 -0.04 -11.16
C SER B 242 -13.28 -1.54 -11.25
N ASP B 243 -13.71 -2.27 -10.24
CA ASP B 243 -13.43 -3.72 -10.21
C ASP B 243 -14.47 -4.56 -10.83
N ASN B 244 -15.58 -3.95 -11.19
CA ASN B 244 -16.67 -4.66 -11.78
C ASN B 244 -17.48 -3.68 -12.66
N PRO B 245 -16.88 -3.24 -13.78
CA PRO B 245 -17.45 -2.13 -14.57
C PRO B 245 -18.70 -2.48 -15.35
N ASN B 246 -18.97 -3.79 -15.52
CA ASN B 246 -20.26 -4.17 -16.21
C ASN B 246 -21.46 -4.32 -15.27
N ALA B 247 -21.27 -4.10 -13.98
CA ALA B 247 -22.34 -4.31 -13.02
C ALA B 247 -23.42 -3.27 -13.33
N ARG B 248 -24.69 -3.64 -13.15
CA ARG B 248 -25.78 -2.70 -13.52
C ARG B 248 -25.75 -1.36 -12.78
N GLU B 249 -25.23 -1.36 -11.55
CA GLU B 249 -25.11 -0.13 -10.77
C GLU B 249 -24.15 0.88 -11.38
N CYS B 250 -23.32 0.42 -12.33
CA CYS B 250 -22.25 1.24 -12.92
C CYS B 250 -22.56 1.78 -14.32
N ARG B 251 -23.79 1.70 -14.78
CA ARG B 251 -24.10 2.23 -16.12
C ARG B 251 -23.95 3.76 -16.16
N LEU B 252 -23.21 4.25 -17.14
CA LEU B 252 -22.91 5.69 -17.29
C LEU B 252 -23.93 6.41 -18.19
N ALA B 253 -24.03 7.74 -18.03
CA ALA B 253 -24.87 8.54 -18.91
C ALA B 253 -24.49 8.30 -20.35
#